data_2ZBS
#
_entry.id   2ZBS
#
_cell.length_a   63.716
_cell.length_b   63.716
_cell.length_c   134.753
_cell.angle_alpha   90.00
_cell.angle_beta   90.00
_cell.angle_gamma   90.00
#
_symmetry.space_group_name_H-M   'P 41 21 2'
#
loop_
_entity.id
_entity.type
_entity.pdbx_description
1 polymer 'Estrogen-related receptor gamma'
2 water water
#
_entity_poly.entity_id   1
_entity_poly.type   'polypeptide(L)'
_entity_poly.pdbx_seq_one_letter_code
;LGSPEFLNPQLVQPAKKPYNKIVSHLLVAEPEKIYAMPDPTVPDSDIKALTTLCDLADRELVVIIGWAKHIPGFSTLSLA
DQMSLLQSAWMEILILGVVYRSLSFEDELVYADDYIMDEDQSKLAGLLDLNNAILQLVKKYKSMKLEKEEFVTLKAIALA
NSDSMHIEDVEAVQKLQDVLHEALQDYEAGQHMEDPRRAGKMLMTLPLLRQTSTKAVQHFYNIKLEGKVPMHKLFLEMLE
AKVC
;
_entity_poly.pdbx_strand_id   A
#
# COMPACT_ATOMS: atom_id res chain seq x y z
N LYS A 17 -15.27 24.55 -0.58
CA LYS A 17 -15.76 23.98 -1.88
C LYS A 17 -14.66 23.43 -2.81
N PRO A 18 -13.61 24.24 -3.12
CA PRO A 18 -12.37 23.61 -3.60
C PRO A 18 -11.89 22.59 -2.55
N TYR A 19 -11.65 21.35 -2.97
CA TYR A 19 -11.62 20.25 -2.01
C TYR A 19 -10.46 20.23 -1.03
N ASN A 20 -10.57 19.27 -0.12
CA ASN A 20 -9.75 19.09 1.05
C ASN A 20 -8.24 19.25 0.89
N LYS A 21 -7.63 20.06 1.76
CA LYS A 21 -6.20 20.38 1.63
CA LYS A 21 -6.21 20.37 1.64
C LYS A 21 -5.31 19.17 1.90
N ILE A 22 -5.67 18.33 2.87
CA ILE A 22 -4.85 17.16 3.15
C ILE A 22 -4.85 16.27 1.92
N VAL A 23 -6.02 16.07 1.32
CA VAL A 23 -6.07 15.26 0.09
C VAL A 23 -5.21 15.89 -1.01
N SER A 24 -5.31 17.21 -1.19
CA SER A 24 -4.51 17.90 -2.21
CA SER A 24 -4.52 17.85 -2.25
C SER A 24 -3.02 17.72 -1.96
N HIS A 25 -2.62 17.82 -0.69
CA HIS A 25 -1.24 17.66 -0.26
C HIS A 25 -0.74 16.25 -0.56
N LEU A 26 -1.53 15.24 -0.17
CA LEU A 26 -1.12 13.87 -0.50
C LEU A 26 -0.97 13.65 -2.02
N LEU A 27 -1.83 14.26 -2.81
CA LEU A 27 -1.71 14.15 -4.27
C LEU A 27 -0.37 14.67 -4.74
N VAL A 28 0.04 15.84 -4.27
CA VAL A 28 1.31 16.40 -4.76
C VAL A 28 2.51 15.69 -4.18
N ALA A 29 2.33 15.01 -3.06
CA ALA A 29 3.39 14.24 -2.43
C ALA A 29 3.57 12.87 -3.08
N GLU A 30 2.71 12.54 -4.03
CA GLU A 30 2.71 11.21 -4.63
C GLU A 30 4.07 10.98 -5.31
N PRO A 31 4.75 9.86 -4.99
CA PRO A 31 6.03 9.53 -5.65
C PRO A 31 5.87 9.25 -7.14
N GLU A 32 6.99 9.41 -7.85
CA GLU A 32 7.08 9.05 -9.26
C GLU A 32 7.02 7.53 -9.43
N LYS A 33 6.69 7.11 -10.64
CA LYS A 33 6.71 5.68 -11.03
C LYS A 33 8.06 5.06 -10.74
N ILE A 34 8.06 3.76 -10.43
CA ILE A 34 9.29 2.95 -10.24
CA ILE A 34 9.33 3.04 -10.39
C ILE A 34 9.23 1.80 -11.27
N TYR A 35 10.32 1.52 -11.97
CA TYR A 35 10.34 0.44 -12.96
C TYR A 35 10.83 -0.83 -12.33
N ALA A 36 10.29 -1.97 -12.77
CA ALA A 36 10.73 -3.23 -12.21
C ALA A 36 12.10 -3.63 -12.78
N MET A 37 12.28 -3.41 -14.09
CA MET A 37 13.56 -3.76 -14.75
C MET A 37 13.96 -5.22 -14.49
N PRO A 38 13.10 -6.16 -14.92
CA PRO A 38 13.51 -7.57 -14.83
C PRO A 38 14.78 -7.74 -15.68
N ASP A 39 15.74 -8.54 -15.21
CA ASP A 39 17.05 -8.68 -15.88
C ASP A 39 16.83 -9.39 -17.22
N PRO A 40 17.08 -8.68 -18.34
CA PRO A 40 16.75 -9.22 -19.67
C PRO A 40 17.70 -10.36 -20.09
N THR A 41 18.73 -10.62 -19.28
CA THR A 41 19.71 -11.66 -19.60
C THR A 41 19.40 -12.97 -18.85
N VAL A 42 18.41 -12.92 -17.96
CA VAL A 42 18.08 -14.06 -17.11
C VAL A 42 16.89 -14.81 -17.67
N PRO A 43 16.97 -16.16 -17.73
CA PRO A 43 15.81 -16.87 -18.25
C PRO A 43 14.60 -16.71 -17.33
N ASP A 44 13.42 -16.61 -17.93
CA ASP A 44 12.18 -16.52 -17.17
C ASP A 44 11.99 -17.77 -16.31
N SER A 45 11.55 -17.56 -15.08
CA SER A 45 11.38 -18.62 -14.12
C SER A 45 10.65 -18.02 -12.94
N ASP A 46 10.26 -18.88 -12.01
CA ASP A 46 9.69 -18.43 -10.77
C ASP A 46 10.70 -17.66 -9.95
N ILE A 47 11.96 -18.11 -9.96
CA ILE A 47 13.01 -17.43 -9.23
C ILE A 47 13.20 -16.01 -9.80
N LYS A 48 13.26 -15.90 -11.12
CA LYS A 48 13.41 -14.56 -11.76
C LYS A 48 12.24 -13.64 -11.39
N ALA A 49 11.02 -14.16 -11.45
CA ALA A 49 9.85 -13.35 -11.15
C ALA A 49 9.87 -12.89 -9.69
N LEU A 50 10.18 -13.80 -8.77
CA LEU A 50 10.19 -13.45 -7.36
C LEU A 50 11.35 -12.51 -7.01
N THR A 51 12.51 -12.74 -7.62
CA THR A 51 13.65 -11.85 -7.43
C THR A 51 13.33 -10.43 -7.88
N THR A 52 12.67 -10.30 -9.03
CA THR A 52 12.23 -9.03 -9.64
C THR A 52 11.27 -8.29 -8.69
N LEU A 53 10.27 -9.02 -8.21
CA LEU A 53 9.27 -8.45 -7.28
C LEU A 53 9.84 -7.98 -5.95
N CYS A 54 10.74 -8.78 -5.38
CA CYS A 54 11.36 -8.43 -4.11
C CYS A 54 12.31 -7.24 -4.26
N ASP A 55 12.98 -7.16 -5.41
CA ASP A 55 13.82 -6.01 -5.68
C ASP A 55 12.99 -4.73 -5.85
N LEU A 56 11.91 -4.83 -6.62
CA LEU A 56 10.99 -3.72 -6.82
C LEU A 56 10.43 -3.26 -5.47
N ALA A 57 10.02 -4.22 -4.64
CA ALA A 57 9.50 -3.89 -3.30
C ALA A 57 10.54 -3.17 -2.44
N ASP A 58 11.79 -3.61 -2.49
CA ASP A 58 12.86 -2.98 -1.73
C ASP A 58 12.96 -1.49 -2.10
N ARG A 59 12.89 -1.19 -3.39
CA ARG A 59 12.99 0.18 -3.90
C ARG A 59 11.75 1.01 -3.54
N GLU A 60 10.58 0.37 -3.61
CA GLU A 60 9.34 0.99 -3.17
CA GLU A 60 9.32 0.96 -3.17
CA GLU A 60 9.32 0.97 -3.17
C GLU A 60 9.39 1.37 -1.69
N LEU A 61 10.01 0.53 -0.87
CA LEU A 61 10.08 0.83 0.58
C LEU A 61 10.81 2.15 0.83
N VAL A 62 11.90 2.35 0.11
CA VAL A 62 12.63 3.61 0.21
C VAL A 62 11.72 4.80 -0.10
N VAL A 63 10.97 4.71 -1.19
CA VAL A 63 10.03 5.73 -1.63
CA VAL A 63 10.10 5.83 -1.55
C VAL A 63 8.93 5.98 -0.57
N ILE A 64 8.38 4.88 -0.07
CA ILE A 64 7.31 4.98 0.95
C ILE A 64 7.81 5.72 2.20
N ILE A 65 9.03 5.39 2.65
CA ILE A 65 9.62 6.03 3.82
C ILE A 65 9.70 7.54 3.61
N GLY A 66 10.19 7.97 2.45
CA GLY A 66 10.25 9.39 2.14
C GLY A 66 8.88 10.06 2.00
N TRP A 67 7.93 9.31 1.44
CA TRP A 67 6.57 9.80 1.26
C TRP A 67 5.89 10.08 2.57
N ALA A 68 6.10 9.22 3.57
CA ALA A 68 5.34 9.32 4.83
C ALA A 68 5.61 10.64 5.56
N LYS A 69 6.79 11.22 5.32
N LYS A 69 6.78 11.23 5.30
CA LYS A 69 7.17 12.50 5.97
CA LYS A 69 7.19 12.51 5.90
C LYS A 69 6.25 13.66 5.58
C LYS A 69 6.28 13.67 5.56
N HIS A 70 5.58 13.54 4.44
CA HIS A 70 4.61 14.53 4.02
C HIS A 70 3.25 14.46 4.72
N ILE A 71 2.98 13.36 5.40
CA ILE A 71 1.67 13.18 6.04
C ILE A 71 1.67 14.04 7.30
N PRO A 72 0.69 14.97 7.44
CA PRO A 72 0.69 15.88 8.61
C PRO A 72 0.77 15.15 9.93
N GLY A 73 1.78 15.51 10.73
CA GLY A 73 1.97 14.96 12.05
C GLY A 73 2.81 13.70 12.09
N PHE A 74 3.03 13.06 10.93
CA PHE A 74 3.80 11.82 10.94
C PHE A 74 5.25 11.98 11.45
N SER A 75 5.94 13.04 11.01
CA SER A 75 7.35 13.26 11.36
CA SER A 75 7.36 13.24 11.36
C SER A 75 7.57 13.70 12.81
N THR A 76 6.48 14.08 13.48
CA THR A 76 6.49 14.46 14.90
C THR A 76 6.39 13.25 15.85
N LEU A 77 5.99 12.08 15.32
CA LEU A 77 6.04 10.84 16.09
C LEU A 77 7.49 10.52 16.43
N SER A 78 7.72 9.75 17.48
CA SER A 78 9.07 9.22 17.71
C SER A 78 9.50 8.39 16.51
N LEU A 79 10.81 8.35 16.23
CA LEU A 79 11.32 7.49 15.17
C LEU A 79 10.89 6.04 15.33
N ALA A 80 10.82 5.57 16.57
CA ALA A 80 10.35 4.21 16.86
C ALA A 80 8.93 3.97 16.36
N ASP A 81 8.03 4.89 16.70
CA ASP A 81 6.61 4.85 16.28
C ASP A 81 6.47 5.01 14.76
N GLN A 82 7.27 5.90 14.17
CA GLN A 82 7.33 6.00 12.70
C GLN A 82 7.71 4.66 12.09
N MET A 83 8.76 4.04 12.63
CA MET A 83 9.19 2.76 12.10
CA MET A 83 9.22 2.74 12.15
CA MET A 83 9.23 2.74 12.16
C MET A 83 8.18 1.65 12.37
N SER A 84 7.50 1.68 13.53
CA SER A 84 6.51 0.66 13.87
C SER A 84 5.34 0.71 12.89
N LEU A 85 4.87 1.92 12.60
CA LEU A 85 3.78 2.10 11.63
C LEU A 85 4.18 1.58 10.26
N LEU A 86 5.34 2.00 9.80
CA LEU A 86 5.85 1.56 8.52
C LEU A 86 6.04 0.04 8.47
N GLN A 87 6.58 -0.56 9.54
CA GLN A 87 6.78 -2.01 9.60
C GLN A 87 5.50 -2.84 9.55
N SER A 88 4.42 -2.27 10.06
CA SER A 88 3.13 -2.94 10.02
CA SER A 88 3.13 -2.93 10.03
C SER A 88 2.41 -2.69 8.70
N ALA A 89 2.55 -1.49 8.14
CA ALA A 89 1.73 -1.12 6.99
C ALA A 89 2.35 -1.25 5.59
N TRP A 90 3.67 -1.52 5.51
CA TRP A 90 4.38 -1.42 4.24
C TRP A 90 3.80 -2.26 3.12
N MET A 91 3.41 -3.50 3.42
CA MET A 91 2.85 -4.36 2.37
C MET A 91 1.46 -3.87 1.93
N GLU A 92 0.64 -3.36 2.86
CA GLU A 92 -0.63 -2.77 2.46
C GLU A 92 -0.42 -1.62 1.49
N ILE A 93 0.59 -0.80 1.78
CA ILE A 93 0.85 0.38 0.96
C ILE A 93 1.30 -0.06 -0.44
N LEU A 94 2.23 -1.02 -0.46
CA LEU A 94 2.72 -1.61 -1.70
CA LEU A 94 2.72 -1.61 -1.72
C LEU A 94 1.57 -2.18 -2.55
N ILE A 95 0.71 -2.99 -1.92
CA ILE A 95 -0.41 -3.61 -2.62
C ILE A 95 -1.41 -2.57 -3.17
N LEU A 96 -1.73 -1.56 -2.37
CA LEU A 96 -2.66 -0.55 -2.83
C LEU A 96 -2.12 0.17 -4.09
N GLY A 97 -0.80 0.35 -4.18
CA GLY A 97 -0.21 0.92 -5.41
C GLY A 97 -0.42 0.00 -6.62
N VAL A 98 -0.16 -1.29 -6.45
CA VAL A 98 -0.38 -2.28 -7.53
C VAL A 98 -1.85 -2.26 -7.94
N VAL A 99 -2.75 -2.29 -6.94
CA VAL A 99 -4.18 -2.20 -7.20
C VAL A 99 -4.55 -0.95 -8.02
N TYR A 100 -4.11 0.23 -7.56
CA TYR A 100 -4.46 1.46 -8.25
C TYR A 100 -3.94 1.45 -9.70
N ARG A 101 -2.68 1.04 -9.88
CA ARG A 101 -2.11 1.01 -11.24
C ARG A 101 -2.83 0.06 -12.18
N SER A 102 -3.54 -0.90 -11.58
CA SER A 102 -4.22 -1.94 -12.34
C SER A 102 -5.69 -1.65 -12.65
N LEU A 103 -6.20 -0.48 -12.25
CA LEU A 103 -7.64 -0.20 -12.37
C LEU A 103 -8.17 -0.21 -13.81
N SER A 104 -7.34 0.23 -14.76
CA SER A 104 -7.77 0.31 -16.17
CA SER A 104 -7.75 0.32 -16.18
C SER A 104 -7.43 -0.96 -16.95
N PHE A 105 -6.97 -1.99 -16.25
CA PHE A 105 -6.64 -3.28 -16.88
C PHE A 105 -7.66 -4.36 -16.53
N GLU A 106 -7.62 -5.47 -17.26
CA GLU A 106 -8.53 -6.58 -16.98
C GLU A 106 -7.76 -7.86 -16.69
N ASP A 107 -7.96 -8.35 -15.47
CA ASP A 107 -7.35 -9.58 -14.97
C ASP A 107 -5.82 -9.58 -15.07
N GLU A 108 -5.23 -8.39 -14.99
CA GLU A 108 -3.78 -8.27 -15.03
C GLU A 108 -3.37 -7.31 -13.92
N LEU A 109 -2.19 -7.54 -13.35
CA LEU A 109 -1.69 -6.66 -12.28
C LEU A 109 -0.47 -5.86 -12.74
N VAL A 110 -0.59 -4.56 -12.68
CA VAL A 110 0.51 -3.66 -13.06
C VAL A 110 1.43 -3.43 -11.87
N TYR A 111 2.34 -4.36 -11.62
CA TYR A 111 3.35 -4.16 -10.60
C TYR A 111 4.21 -2.95 -10.97
N ALA A 112 4.43 -2.79 -12.27
CA ALA A 112 5.18 -1.65 -12.83
C ALA A 112 4.82 -1.55 -14.30
N ASP A 113 5.14 -0.41 -14.92
CA ASP A 113 4.85 -0.19 -16.33
C ASP A 113 5.52 -1.28 -17.18
N ASP A 114 6.66 -1.77 -16.70
CA ASP A 114 7.44 -2.80 -17.42
C ASP A 114 7.28 -4.19 -16.78
N TYR A 115 6.22 -4.39 -16.00
CA TYR A 115 6.00 -5.65 -15.34
C TYR A 115 4.53 -5.86 -14.99
N ILE A 116 3.79 -6.32 -15.98
CA ILE A 116 2.35 -6.50 -15.86
C ILE A 116 2.13 -8.01 -15.86
N MET A 117 1.54 -8.52 -14.78
CA MET A 117 1.37 -9.96 -14.63
C MET A 117 -0.03 -10.42 -14.97
N ASP A 118 -0.14 -11.28 -15.99
CA ASP A 118 -1.40 -11.94 -16.30
C ASP A 118 -1.48 -13.28 -15.57
N GLU A 119 -2.57 -14.02 -15.75
CA GLU A 119 -2.78 -15.27 -15.00
C GLU A 119 -1.67 -16.28 -15.22
N ASP A 120 -1.24 -16.45 -16.48
CA ASP A 120 -0.14 -17.34 -16.83
C ASP A 120 1.13 -17.05 -16.04
N GLN A 121 1.54 -15.77 -16.01
CA GLN A 121 2.76 -15.39 -15.30
C GLN A 121 2.62 -15.62 -13.82
N SER A 122 1.45 -15.33 -13.27
CA SER A 122 1.19 -15.58 -11.85
C SER A 122 1.39 -17.05 -11.50
N LYS A 123 0.88 -17.92 -12.37
CA LYS A 123 1.02 -19.37 -12.18
C LYS A 123 2.49 -19.76 -12.20
N LEU A 124 3.21 -19.30 -13.22
CA LEU A 124 4.64 -19.53 -13.32
C LEU A 124 5.39 -19.08 -12.07
N ALA A 125 5.01 -17.93 -11.51
CA ALA A 125 5.68 -17.38 -10.34
C ALA A 125 5.26 -18.01 -9.00
N GLY A 126 4.24 -18.87 -9.05
CA GLY A 126 3.65 -19.47 -7.86
C GLY A 126 2.83 -18.48 -7.03
N LEU A 127 2.30 -17.47 -7.72
CA LEU A 127 1.63 -16.34 -7.08
C LEU A 127 0.14 -16.27 -7.42
N LEU A 128 -0.38 -17.32 -8.05
CA LEU A 128 -1.78 -17.34 -8.51
C LEU A 128 -2.78 -16.94 -7.43
N ASP A 129 -2.68 -17.56 -6.26
CA ASP A 129 -3.60 -17.30 -5.14
C ASP A 129 -3.50 -15.87 -4.61
N LEU A 130 -2.26 -15.40 -4.42
CA LEU A 130 -2.05 -14.05 -3.93
C LEU A 130 -2.53 -13.05 -4.97
N ASN A 131 -2.14 -13.25 -6.21
CA ASN A 131 -2.55 -12.33 -7.29
C ASN A 131 -4.06 -12.33 -7.54
N ASN A 132 -4.71 -13.46 -7.29
CA ASN A 132 -6.17 -13.48 -7.42
C ASN A 132 -6.83 -12.66 -6.31
N ALA A 133 -6.25 -12.71 -5.12
CA ALA A 133 -6.72 -11.90 -3.99
C ALA A 133 -6.53 -10.40 -4.28
N ILE A 134 -5.38 -10.03 -4.84
CA ILE A 134 -5.17 -8.64 -5.22
C ILE A 134 -6.16 -8.24 -6.32
N LEU A 135 -6.42 -9.14 -7.28
CA LEU A 135 -7.41 -8.85 -8.32
C LEU A 135 -8.82 -8.68 -7.72
N GLN A 136 -9.08 -9.33 -6.60
CA GLN A 136 -10.35 -9.15 -5.88
C GLN A 136 -10.48 -7.69 -5.36
N LEU A 137 -9.40 -7.15 -4.79
CA LEU A 137 -9.33 -5.72 -4.42
C LEU A 137 -9.56 -4.81 -5.63
N VAL A 138 -8.91 -5.12 -6.74
CA VAL A 138 -9.08 -4.34 -7.97
C VAL A 138 -10.54 -4.34 -8.40
N LYS A 139 -11.17 -5.51 -8.35
CA LYS A 139 -12.57 -5.64 -8.82
C LYS A 139 -13.44 -4.69 -8.04
N LYS A 140 -13.24 -4.69 -6.73
CA LYS A 140 -14.06 -3.88 -5.82
C LYS A 140 -13.88 -2.40 -6.07
N TYR A 141 -12.63 -1.97 -6.16
CA TYR A 141 -12.32 -0.56 -6.44
C TYR A 141 -12.78 -0.07 -7.80
N LYS A 142 -12.75 -0.95 -8.81
CA LYS A 142 -13.29 -0.64 -10.15
C LYS A 142 -14.78 -0.32 -10.08
N SER A 143 -15.51 -1.18 -9.37
CA SER A 143 -16.94 -1.03 -9.17
CA SER A 143 -16.94 -1.02 -9.20
CA SER A 143 -16.93 -1.05 -9.15
C SER A 143 -17.27 0.28 -8.47
N MET A 144 -16.43 0.66 -7.49
CA MET A 144 -16.60 1.90 -6.75
C MET A 144 -16.03 3.12 -7.47
N LYS A 145 -15.38 2.91 -8.62
CA LYS A 145 -14.71 4.00 -9.34
C LYS A 145 -13.73 4.77 -8.45
N LEU A 146 -12.84 4.03 -7.79
CA LEU A 146 -11.80 4.62 -6.94
C LEU A 146 -11.03 5.73 -7.68
N GLU A 147 -10.89 6.88 -7.04
CA GLU A 147 -10.22 8.07 -7.63
C GLU A 147 -8.80 8.15 -7.09
N LYS A 148 -7.92 8.89 -7.78
CA LYS A 148 -6.57 9.02 -7.24
C LYS A 148 -6.57 9.66 -5.85
N GLU A 149 -7.45 10.64 -5.66
CA GLU A 149 -7.60 11.34 -4.37
C GLU A 149 -7.91 10.34 -3.26
N GLU A 150 -8.75 9.37 -3.59
CA GLU A 150 -9.17 8.39 -2.60
C GLU A 150 -8.07 7.37 -2.32
N PHE A 151 -7.39 6.92 -3.37
CA PHE A 151 -6.21 6.03 -3.27
C PHE A 151 -5.15 6.60 -2.34
N VAL A 152 -4.74 7.87 -2.56
CA VAL A 152 -3.65 8.42 -1.73
C VAL A 152 -4.08 8.57 -0.28
N THR A 153 -5.34 8.92 -0.08
CA THR A 153 -5.85 9.08 1.28
C THR A 153 -5.92 7.73 1.97
N LEU A 154 -6.38 6.70 1.25
CA LEU A 154 -6.37 5.33 1.82
C LEU A 154 -4.97 4.80 2.15
N LYS A 155 -3.96 5.11 1.32
CA LYS A 155 -2.59 4.73 1.67
C LYS A 155 -2.18 5.30 3.02
N ALA A 156 -2.45 6.60 3.20
CA ALA A 156 -2.17 7.28 4.47
C ALA A 156 -2.93 6.68 5.65
N ILE A 157 -4.21 6.44 5.45
CA ILE A 157 -5.03 5.81 6.49
C ILE A 157 -4.52 4.41 6.84
N ALA A 158 -4.17 3.61 5.82
CA ALA A 158 -3.60 2.28 6.10
C ALA A 158 -2.33 2.36 6.93
N LEU A 159 -1.48 3.35 6.63
CA LEU A 159 -0.29 3.57 7.46
C LEU A 159 -0.64 3.85 8.92
N ALA A 160 -1.55 4.81 9.12
CA ALA A 160 -1.89 5.26 10.47
C ALA A 160 -2.69 4.20 11.24
N ASN A 161 -3.44 3.38 10.50
CA ASN A 161 -4.34 2.39 11.11
C ASN A 161 -3.77 0.97 11.11
N SER A 162 -2.44 0.86 11.10
CA SER A 162 -1.84 -0.43 10.81
C SER A 162 -1.77 -1.42 11.99
N ASP A 163 -2.18 -0.99 13.19
CA ASP A 163 -2.36 -1.90 14.36
C ASP A 163 -1.07 -2.58 14.82
N SER A 164 0.03 -1.84 14.72
CA SER A 164 1.28 -2.31 15.32
C SER A 164 1.09 -2.60 16.80
N MET A 165 1.66 -3.72 17.24
CA MET A 165 1.70 -4.14 18.63
CA MET A 165 1.65 -4.10 18.65
C MET A 165 2.59 -3.23 19.49
N HIS A 166 3.45 -2.45 18.83
CA HIS A 166 4.59 -1.79 19.50
C HIS A 166 4.57 -0.28 19.73
N ILE A 167 3.40 0.34 19.66
CA ILE A 167 3.28 1.80 19.70
CA ILE A 167 3.29 1.81 19.69
C ILE A 167 3.52 2.42 21.08
N GLU A 168 4.40 3.42 21.13
CA GLU A 168 4.72 4.16 22.34
C GLU A 168 3.68 5.22 22.68
N ASP A 169 3.32 6.04 21.69
CA ASP A 169 2.37 7.12 21.91
C ASP A 169 1.07 6.79 21.19
N VAL A 170 0.24 6.00 21.87
CA VAL A 170 -1.01 5.48 21.31
C VAL A 170 -1.95 6.64 20.94
N GLU A 171 -2.02 7.65 21.80
CA GLU A 171 -2.89 8.79 21.58
C GLU A 171 -2.47 9.66 20.38
N ALA A 172 -1.16 9.83 20.18
CA ALA A 172 -0.66 10.55 19.00
C ALA A 172 -0.99 9.79 17.70
N VAL A 173 -0.87 8.48 17.72
CA VAL A 173 -1.22 7.64 16.55
C VAL A 173 -2.73 7.76 16.30
N GLN A 174 -3.52 7.71 17.37
CA GLN A 174 -4.97 7.91 17.26
CA GLN A 174 -4.96 7.89 17.23
C GLN A 174 -5.30 9.27 16.65
N LYS A 175 -4.55 10.29 17.06
CA LYS A 175 -4.76 11.63 16.51
C LYS A 175 -4.45 11.65 15.00
N LEU A 176 -3.37 10.97 14.60
CA LEU A 176 -3.02 10.87 13.17
C LEU A 176 -4.14 10.17 12.36
N GLN A 177 -4.64 9.07 12.90
CA GLN A 177 -5.81 8.38 12.33
C GLN A 177 -6.99 9.36 12.13
N ASP A 178 -7.24 10.21 13.13
CA ASP A 178 -8.42 11.08 13.09
CA ASP A 178 -8.39 11.13 13.13
C ASP A 178 -8.26 12.19 12.04
N VAL A 179 -7.07 12.77 11.95
CA VAL A 179 -6.78 13.80 10.97
C VAL A 179 -7.05 13.27 9.54
N LEU A 180 -6.59 12.04 9.27
CA LEU A 180 -6.73 11.46 7.92
C LEU A 180 -8.16 10.99 7.65
N HIS A 181 -8.76 10.37 8.66
CA HIS A 181 -10.20 10.07 8.56
C HIS A 181 -11.05 11.30 8.27
N GLU A 182 -10.79 12.39 9.00
CA GLU A 182 -11.51 13.65 8.75
C GLU A 182 -11.32 14.12 7.32
N ALA A 183 -10.10 14.01 6.80
CA ALA A 183 -9.81 14.40 5.42
C ALA A 183 -10.63 13.57 4.42
N LEU A 184 -10.69 12.26 4.64
CA LEU A 184 -11.51 11.41 3.80
C LEU A 184 -12.98 11.83 3.87
N GLN A 185 -13.48 12.07 5.09
CA GLN A 185 -14.88 12.43 5.32
CA GLN A 185 -14.89 12.41 5.28
C GLN A 185 -15.23 13.73 4.58
N ASP A 186 -14.36 14.70 4.76
CA ASP A 186 -14.52 16.03 4.17
CA ASP A 186 -14.49 16.04 4.15
C ASP A 186 -14.49 15.98 2.65
N TYR A 187 -13.51 15.26 2.10
CA TYR A 187 -13.42 15.08 0.66
C TYR A 187 -14.69 14.43 0.10
N GLU A 188 -15.16 13.37 0.75
CA GLU A 188 -16.33 12.69 0.24
C GLU A 188 -17.61 13.53 0.34
N ALA A 189 -17.70 14.30 1.41
CA ALA A 189 -18.87 15.15 1.64
C ALA A 189 -18.96 16.23 0.56
N GLY A 190 -17.80 16.69 0.09
CA GLY A 190 -17.73 17.77 -0.91
C GLY A 190 -17.80 17.29 -2.35
N GLN A 191 -17.20 16.14 -2.61
CA GLN A 191 -17.03 15.62 -3.98
CA GLN A 191 -17.07 15.65 -3.98
C GLN A 191 -18.08 14.59 -4.35
N HIS A 192 -18.68 13.94 -3.35
CA HIS A 192 -19.58 12.82 -3.57
CA HIS A 192 -19.57 12.82 -3.57
C HIS A 192 -20.88 12.95 -2.79
N MET A 193 -21.56 14.07 -3.03
CA MET A 193 -22.84 14.31 -2.39
C MET A 193 -23.89 13.28 -2.75
N GLU A 194 -23.71 12.59 -3.86
CA GLU A 194 -24.68 11.57 -4.30
C GLU A 194 -24.67 10.35 -3.38
N ASP A 195 -23.58 10.16 -2.67
CA ASP A 195 -23.46 9.02 -1.76
C ASP A 195 -22.89 9.50 -0.43
N PRO A 196 -23.78 9.85 0.52
CA PRO A 196 -23.33 10.35 1.83
C PRO A 196 -22.59 9.28 2.65
N ARG A 197 -22.58 8.03 2.18
CA ARG A 197 -21.86 6.95 2.88
C ARG A 197 -20.60 6.48 2.14
N ARG A 198 -20.13 7.27 1.17
CA ARG A 198 -18.97 6.81 0.38
C ARG A 198 -17.70 6.72 1.21
N ALA A 199 -17.49 7.63 2.17
CA ALA A 199 -16.28 7.52 3.02
C ALA A 199 -16.24 6.18 3.75
N GLY A 200 -17.38 5.81 4.32
CA GLY A 200 -17.51 4.54 5.06
C GLY A 200 -17.29 3.36 4.16
N LYS A 201 -17.83 3.42 2.94
CA LYS A 201 -17.61 2.36 1.97
C LYS A 201 -16.11 2.20 1.67
N MET A 202 -15.42 3.32 1.50
CA MET A 202 -13.96 3.32 1.34
C MET A 202 -13.27 2.64 2.54
N LEU A 203 -13.66 2.98 3.77
CA LEU A 203 -13.05 2.38 4.97
C LEU A 203 -13.34 0.88 4.99
N MET A 204 -14.50 0.50 4.48
CA MET A 204 -14.91 -0.91 4.46
CA MET A 204 -14.86 -0.93 4.49
C MET A 204 -14.12 -1.78 3.47
N THR A 205 -13.28 -1.14 2.64
CA THR A 205 -12.37 -1.91 1.75
C THR A 205 -11.06 -2.29 2.46
N LEU A 206 -10.81 -1.67 3.60
CA LEU A 206 -9.56 -1.91 4.32
C LEU A 206 -9.38 -3.35 4.86
N PRO A 207 -10.45 -3.99 5.35
CA PRO A 207 -10.24 -5.39 5.75
C PRO A 207 -9.68 -6.32 4.68
N LEU A 208 -10.19 -6.24 3.46
CA LEU A 208 -9.67 -7.08 2.36
C LEU A 208 -8.21 -6.69 2.05
N LEU A 209 -7.89 -5.41 2.18
CA LEU A 209 -6.48 -5.01 2.03
C LEU A 209 -5.58 -5.64 3.09
N ARG A 210 -6.02 -5.61 4.35
CA ARG A 210 -5.29 -6.20 5.47
C ARG A 210 -5.11 -7.69 5.21
N GLN A 211 -6.21 -8.36 4.85
CA GLN A 211 -6.23 -9.78 4.55
C GLN A 211 -5.19 -10.16 3.45
N THR A 212 -5.24 -9.41 2.35
CA THR A 212 -4.35 -9.62 1.20
C THR A 212 -2.88 -9.38 1.58
N SER A 213 -2.60 -8.33 2.34
CA SER A 213 -1.24 -8.04 2.83
CA SER A 213 -1.24 -8.07 2.79
C SER A 213 -0.70 -9.19 3.69
N THR A 214 -1.54 -9.65 4.61
CA THR A 214 -1.14 -10.77 5.45
C THR A 214 -0.78 -11.99 4.57
N LYS A 215 -1.57 -12.26 3.54
CA LYS A 215 -1.31 -13.36 2.58
C LYS A 215 0.04 -13.16 1.90
N ALA A 216 0.34 -11.92 1.52
CA ALA A 216 1.58 -11.61 0.80
C ALA A 216 2.80 -11.76 1.70
N VAL A 217 2.70 -11.23 2.93
CA VAL A 217 3.82 -11.29 3.89
C VAL A 217 4.16 -12.74 4.24
N GLN A 218 3.12 -13.55 4.49
CA GLN A 218 3.31 -14.98 4.78
CA GLN A 218 3.33 -14.96 4.79
C GLN A 218 3.96 -15.70 3.61
N HIS A 219 3.48 -15.43 2.41
CA HIS A 219 4.02 -16.04 1.19
C HIS A 219 5.51 -15.74 1.00
N PHE A 220 5.88 -14.47 1.13
CA PHE A 220 7.25 -14.05 0.89
C PHE A 220 8.17 -14.41 2.03
N TYR A 221 7.60 -14.60 3.21
CA TYR A 221 8.34 -15.16 4.32
C TYR A 221 8.73 -16.62 4.03
N ASN A 222 7.81 -17.41 3.48
CA ASN A 222 8.09 -18.79 3.08
C ASN A 222 9.22 -18.84 2.06
N ILE A 223 9.16 -17.91 1.10
CA ILE A 223 10.19 -17.76 0.09
C ILE A 223 11.53 -17.40 0.74
N LYS A 224 11.49 -16.50 1.73
CA LYS A 224 12.68 -16.16 2.49
C LYS A 224 13.31 -17.39 3.17
N LEU A 225 12.45 -18.26 3.70
CA LEU A 225 12.91 -19.48 4.37
C LEU A 225 13.49 -20.51 3.39
N GLU A 226 12.88 -20.63 2.22
CA GLU A 226 13.38 -21.54 1.18
C GLU A 226 14.79 -21.17 0.68
N GLY A 227 15.15 -19.89 0.85
CA GLY A 227 16.53 -19.41 0.61
C GLY A 227 16.97 -19.35 -0.84
N LYS A 228 16.03 -19.52 -1.77
CA LYS A 228 16.35 -19.59 -3.20
C LYS A 228 16.28 -18.23 -3.91
N VAL A 229 15.62 -17.27 -3.28
CA VAL A 229 15.43 -15.93 -3.87
C VAL A 229 16.24 -14.90 -3.10
N PRO A 230 17.14 -14.17 -3.81
CA PRO A 230 17.91 -13.10 -3.17
C PRO A 230 17.01 -11.97 -2.71
N MET A 231 17.27 -11.45 -1.52
CA MET A 231 16.48 -10.36 -0.95
C MET A 231 17.38 -9.31 -0.32
N HIS A 232 17.01 -8.04 -0.50
CA HIS A 232 17.81 -6.93 0.01
C HIS A 232 17.52 -6.56 1.47
N LYS A 233 18.41 -5.73 2.01
CA LYS A 233 18.47 -5.36 3.42
C LYS A 233 17.15 -4.81 3.97
N LEU A 234 16.64 -3.77 3.31
CA LEU A 234 15.42 -3.10 3.77
C LEU A 234 14.20 -4.02 3.70
N PHE A 235 14.01 -4.68 2.55
CA PHE A 235 12.92 -5.65 2.36
C PHE A 235 12.97 -6.74 3.43
N LEU A 236 14.16 -7.27 3.70
CA LEU A 236 14.35 -8.30 4.73
C LEU A 236 14.00 -7.79 6.12
N GLU A 237 14.43 -6.57 6.40
CA GLU A 237 14.14 -5.90 7.66
CA GLU A 237 14.14 -5.91 7.68
C GLU A 237 12.63 -5.75 7.87
N MET A 238 11.93 -5.35 6.82
CA MET A 238 10.48 -5.18 6.85
C MET A 238 9.76 -6.53 6.96
N LEU A 239 10.23 -7.52 6.21
CA LEU A 239 9.69 -8.87 6.25
CA LEU A 239 9.66 -8.86 6.26
C LEU A 239 9.87 -9.51 7.62
N GLU A 240 11.00 -9.21 8.26
CA GLU A 240 11.39 -9.82 9.54
C GLU A 240 10.89 -9.10 10.78
N ALA A 241 10.46 -7.85 10.63
CA ALA A 241 9.77 -7.13 11.72
C ALA A 241 8.35 -7.71 11.74
N LYS A 242 8.30 -9.04 11.83
CA LYS A 242 7.47 -9.83 10.92
C LYS A 242 6.00 -9.39 10.66
N VAL A 243 5.09 -9.80 11.55
CA VAL A 243 3.68 -9.38 11.52
C VAL A 243 3.12 -9.42 12.95
N CYS A 244 3.95 -9.02 13.91
#